data_3FNK
#
_entry.id   3FNK
#
_cell.length_a   90.359
_cell.length_b   68.645
_cell.length_c   111.294
_cell.angle_alpha   90.00
_cell.angle_beta   90.00
_cell.angle_gamma   90.00
#
_symmetry.space_group_name_H-M   'P 21 21 21'
#
loop_
_entity.id
_entity.type
_entity.pdbx_description
1 polymer 'Cellulosomal scaffoldin adaptor protein B'
2 non-polymer 1,2-ETHANEDIOL
3 non-polymer 'ACETATE ION'
4 non-polymer 1,3-PROPANDIOL
5 non-polymer 1,4-BUTANEDIOL
6 water water
#
_entity_poly.entity_id   1
_entity_poly.type   'polypeptide(L)'
_entity_poly.pdbx_seq_one_letter_code
;VINLDMIKASYITMGYDKNAAEVGEIIKATVKINKITNFSGYQVNIKYDPTVLQAVNPKTGVAYTNSSLPTSGELLVSED
YGPIVQGVHKISEGILNLSRSYTALEVYRASESPEETGTLAVVGFKVLQKKATTVVFEDSETMPNGITGTTLFNWYGNRI
QSGYFVIQPGEINSAPIATLEHHHHHH
;
_entity_poly.pdbx_strand_id   A,B,C
#
# COMPACT_ATOMS: atom_id res chain seq x y z
N ASN A 3 -21.76 18.01 -25.28
N ASN A 3 -20.14 19.36 -26.32
CA ASN A 3 -20.47 18.54 -24.72
CA ASN A 3 -20.01 19.11 -24.85
C ASN A 3 -19.41 17.45 -24.60
C ASN A 3 -19.05 17.97 -24.55
N LEU A 4 -18.54 17.33 -25.61
CA LEU A 4 -17.45 16.35 -25.52
C LEU A 4 -16.05 17.02 -25.59
N ASP A 5 -15.00 16.26 -25.27
CA ASP A 5 -13.62 16.78 -25.26
C ASP A 5 -12.86 16.56 -26.60
N MET A 6 -11.61 17.07 -26.70
CA MET A 6 -10.84 17.35 -27.99
C MET A 6 -10.73 18.88 -28.28
N ILE A 7 -10.32 19.64 -27.24
CA ILE A 7 -10.76 21.01 -26.95
C ILE A 7 -9.57 21.93 -26.67
N LYS A 8 -9.64 23.19 -27.10
CA LYS A 8 -8.48 24.08 -26.92
C LYS A 8 -8.38 24.81 -25.57
N ALA A 9 -9.50 24.95 -24.86
CA ALA A 9 -9.54 25.71 -23.59
C ALA A 9 -8.87 24.89 -22.46
N SER A 10 -8.32 25.58 -21.47
CA SER A 10 -7.72 24.92 -20.30
C SER A 10 -8.82 24.52 -19.34
N TYR A 11 -8.77 23.28 -18.85
CA TYR A 11 -9.76 22.88 -17.85
C TYR A 11 -9.27 21.78 -16.90
N ILE A 12 -10.09 21.52 -15.92
CA ILE A 12 -10.05 20.30 -15.16
C ILE A 12 -11.43 19.69 -15.20
N THR A 13 -11.48 18.38 -15.37
CA THR A 13 -12.78 17.76 -15.37
C THR A 13 -12.76 16.38 -14.72
N MET A 14 -13.96 15.79 -14.59
CA MET A 14 -14.12 14.34 -14.31
C MET A 14 -14.81 13.64 -15.49
N GLY A 15 -14.23 12.56 -16.01
CA GLY A 15 -14.92 11.66 -16.96
C GLY A 15 -15.29 10.29 -16.37
N TYR A 16 -16.41 9.71 -16.81
CA TYR A 16 -16.85 8.36 -16.42
C TYR A 16 -16.56 7.34 -17.47
N ASP A 17 -16.20 6.13 -17.06
CA ASP A 17 -16.10 5.09 -18.07
C ASP A 17 -17.48 4.63 -18.53
N LYS A 18 -18.52 4.94 -17.74
CA LYS A 18 -19.92 4.76 -18.13
C LYS A 18 -20.85 5.70 -17.37
N ASN A 19 -21.95 6.03 -18.04
CA ASN A 19 -23.01 6.94 -17.59
C ASN A 19 -24.12 6.23 -16.83
N ALA A 20 -24.20 4.92 -17.06
CA ALA A 20 -25.27 4.10 -16.45
C ALA A 20 -24.75 2.78 -15.90
N ALA A 21 -25.27 2.38 -14.73
CA ALA A 21 -24.87 1.10 -14.12
C ALA A 21 -25.88 0.56 -13.10
N GLU A 22 -25.91 -0.77 -12.94
CA GLU A 22 -26.83 -1.46 -12.00
C GLU A 22 -26.35 -1.33 -10.56
N VAL A 23 -27.28 -1.47 -9.60
CA VAL A 23 -26.90 -1.51 -8.18
C VAL A 23 -25.78 -2.53 -8.05
N GLY A 24 -24.70 -2.16 -7.36
CA GLY A 24 -23.56 -3.05 -7.14
C GLY A 24 -22.43 -2.94 -8.15
N GLU A 25 -22.70 -2.35 -9.30
CA GLU A 25 -21.68 -2.08 -10.33
C GLU A 25 -20.87 -0.85 -9.95
N ILE A 26 -19.61 -0.83 -10.42
CA ILE A 26 -18.69 0.29 -10.19
CA ILE A 26 -18.67 0.28 -10.19
C ILE A 26 -18.45 1.10 -11.48
N ILE A 27 -18.60 2.41 -11.36
CA ILE A 27 -18.20 3.36 -12.41
C ILE A 27 -16.87 3.97 -11.96
N LYS A 28 -15.87 3.97 -12.84
CA LYS A 28 -14.68 4.74 -12.55
C LYS A 28 -14.70 6.18 -13.05
N ALA A 29 -14.51 7.09 -12.10
CA ALA A 29 -14.48 8.53 -12.33
C ALA A 29 -13.03 8.96 -12.33
N THR A 30 -12.60 9.59 -13.42
CA THR A 30 -11.21 10.01 -13.65
C THR A 30 -11.13 11.55 -13.65
N VAL A 31 -10.30 12.10 -12.76
CA VAL A 31 -10.05 13.54 -12.68
C VAL A 31 -8.91 13.74 -13.68
N LYS A 32 -9.03 14.73 -14.55
CA LYS A 32 -8.07 14.94 -15.61
C LYS A 32 -8.04 16.42 -16.05
N ILE A 33 -6.92 16.83 -16.63
CA ILE A 33 -6.73 18.23 -16.92
C ILE A 33 -6.29 18.41 -18.36
N ASN A 34 -6.47 19.64 -18.82
CA ASN A 34 -6.12 20.01 -20.17
C ASN A 34 -5.46 21.35 -20.12
N LYS A 35 -4.23 21.37 -20.62
CA LYS A 35 -3.42 22.57 -20.83
C LYS A 35 -3.32 23.49 -19.61
N ILE A 36 -2.86 22.92 -18.51
CA ILE A 36 -2.59 23.68 -17.30
C ILE A 36 -1.08 23.97 -17.31
N THR A 37 -0.72 25.25 -17.39
CA THR A 37 0.67 25.68 -17.59
C THR A 37 1.55 25.31 -16.39
N ASN A 38 2.62 24.55 -16.65
CA ASN A 38 3.61 24.19 -15.63
C ASN A 38 3.02 23.51 -14.39
N PHE A 39 1.97 22.73 -14.60
CA PHE A 39 1.18 22.10 -13.53
C PHE A 39 2.08 21.25 -12.63
N SER A 40 1.91 21.34 -11.32
CA SER A 40 2.71 20.46 -10.42
C SER A 40 1.93 19.78 -9.31
N GLY A 41 0.61 20.01 -9.21
CA GLY A 41 -0.20 19.38 -8.15
C GLY A 41 -1.61 19.91 -8.05
N TYR A 42 -2.48 19.17 -7.38
CA TYR A 42 -3.90 19.49 -7.30
C TYR A 42 -4.44 19.21 -5.95
N GLN A 43 -5.46 19.99 -5.59
CA GLN A 43 -6.35 19.59 -4.54
C GLN A 43 -7.76 19.70 -5.12
N VAL A 44 -8.59 18.67 -4.91
CA VAL A 44 -10.01 18.76 -5.33
C VAL A 44 -10.95 18.25 -4.29
N ASN A 45 -12.12 18.88 -4.21
CA ASN A 45 -13.16 18.51 -3.25
C ASN A 45 -14.37 18.03 -4.07
N ILE A 46 -14.80 16.80 -3.81
CA ILE A 46 -15.78 16.11 -4.62
C ILE A 46 -17.01 15.81 -3.76
N LYS A 47 -18.19 16.10 -4.30
CA LYS A 47 -19.45 15.88 -3.59
C LYS A 47 -20.25 14.82 -4.32
N TYR A 48 -20.74 13.83 -3.58
CA TYR A 48 -21.59 12.79 -4.16
C TYR A 48 -22.69 12.38 -3.17
N ASP A 49 -23.65 11.61 -3.66
CA ASP A 49 -24.78 11.17 -2.83
C ASP A 49 -24.45 9.82 -2.23
N PRO A 50 -24.05 9.81 -0.94
CA PRO A 50 -23.58 8.58 -0.29
C PRO A 50 -24.72 7.54 -0.18
N THR A 51 -25.96 8.01 0.01
CA THR A 51 -27.15 7.12 0.05
C THR A 51 -27.34 6.41 -1.29
N VAL A 52 -26.79 7.00 -2.36
CA VAL A 52 -26.96 6.50 -3.76
C VAL A 52 -25.66 5.95 -4.40
N LEU A 53 -24.53 6.58 -4.07
CA LEU A 53 -23.24 6.09 -4.57
C LEU A 53 -22.29 5.83 -3.39
N GLN A 54 -21.47 4.79 -3.51
CA GLN A 54 -20.40 4.50 -2.52
C GLN A 54 -18.98 4.60 -3.11
N ALA A 55 -18.18 5.47 -2.53
CA ALA A 55 -16.78 5.62 -2.94
C ALA A 55 -15.97 4.37 -2.61
N VAL A 56 -15.40 3.77 -3.64
CA VAL A 56 -14.63 2.56 -3.51
C VAL A 56 -13.35 2.69 -4.31
N ASN A 57 -12.40 1.79 -4.06
CA ASN A 57 -11.27 1.61 -4.95
C ASN A 57 -11.82 1.15 -6.30
N PRO A 58 -11.37 1.81 -7.42
CA PRO A 58 -11.88 1.51 -8.76
C PRO A 58 -11.40 0.18 -9.32
N LYS A 59 -10.19 -0.26 -8.94
CA LYS A 59 -9.68 -1.52 -9.48
C LYS A 59 -9.79 -2.73 -8.57
N THR A 60 -10.27 -2.53 -7.33
CA THR A 60 -10.54 -3.64 -6.41
C THR A 60 -12.00 -3.70 -5.95
N GLY A 61 -12.60 -2.55 -5.65
CA GLY A 61 -14.01 -2.51 -5.24
C GLY A 61 -14.16 -2.26 -3.75
N VAL A 62 -13.02 -2.23 -3.05
CA VAL A 62 -13.06 -2.06 -1.61
CA VAL A 62 -12.97 -2.04 -1.60
C VAL A 62 -13.39 -0.62 -1.22
N ALA A 63 -14.34 -0.52 -0.28
CA ALA A 63 -14.85 0.72 0.25
C ALA A 63 -13.73 1.69 0.67
N TYR A 64 -13.84 2.95 0.28
CA TYR A 64 -12.93 4.00 0.77
C TYR A 64 -13.25 4.25 2.25
N THR A 65 -12.20 4.57 3.02
CA THR A 65 -12.34 5.15 4.39
C THR A 65 -12.06 6.65 4.28
N ASN A 66 -12.13 7.34 5.41
CA ASN A 66 -11.88 8.76 5.41
C ASN A 66 -10.42 9.18 5.11
N SER A 67 -9.57 8.19 4.84
CA SER A 67 -8.18 8.47 4.55
C SER A 67 -7.69 7.76 3.28
N SER A 68 -8.61 7.09 2.55
CA SER A 68 -8.20 6.33 1.36
C SER A 68 -7.53 7.21 0.31
N LEU A 69 -6.50 6.65 -0.32
CA LEU A 69 -5.81 7.30 -1.43
C LEU A 69 -6.52 7.12 -2.77
N PRO A 70 -6.49 8.17 -3.63
CA PRO A 70 -6.99 7.99 -5.02
C PRO A 70 -6.07 7.07 -5.79
N THR A 71 -6.57 6.38 -6.81
CA THR A 71 -5.66 5.61 -7.68
C THR A 71 -5.01 6.63 -8.60
N SER A 72 -3.71 6.43 -8.90
CA SER A 72 -2.92 7.39 -9.65
C SER A 72 -3.27 7.46 -11.13
N GLY A 73 -3.03 8.63 -11.74
CA GLY A 73 -3.15 8.82 -13.19
C GLY A 73 -1.82 8.77 -13.92
N GLU A 74 -1.78 9.38 -15.09
CA GLU A 74 -0.57 9.47 -15.91
C GLU A 74 0.31 10.56 -15.39
N LEU A 75 -0.25 11.57 -14.74
CA LEU A 75 0.59 12.69 -14.27
C LEU A 75 0.95 12.55 -12.78
N LEU A 76 2.00 13.24 -12.34
CA LEU A 76 2.37 13.26 -10.92
C LEU A 76 2.89 11.90 -10.39
N VAL A 77 3.36 11.05 -11.30
CA VAL A 77 3.97 9.77 -10.92
C VAL A 77 5.46 9.66 -11.23
N SER A 78 6.12 10.75 -11.59
CA SER A 78 7.56 10.64 -11.77
C SER A 78 8.26 10.72 -10.40
N GLU A 79 8.91 9.63 -10.00
CA GLU A 79 9.45 9.50 -8.64
C GLU A 79 10.55 10.50 -8.34
N ASP A 80 11.35 10.83 -9.35
CA ASP A 80 12.34 11.91 -9.26
C ASP A 80 11.87 13.25 -8.71
N TYR A 81 10.57 13.54 -8.86
CA TYR A 81 10.05 14.86 -8.46
C TYR A 81 9.36 14.80 -7.09
N GLY A 82 9.41 13.63 -6.47
CA GLY A 82 8.94 13.45 -5.09
C GLY A 82 7.45 13.74 -4.91
N PRO A 83 6.58 12.95 -5.56
CA PRO A 83 5.14 13.14 -5.34
C PRO A 83 4.66 12.70 -3.93
N ILE A 84 3.76 13.48 -3.36
CA ILE A 84 3.13 13.08 -2.13
CA ILE A 84 3.09 13.13 -2.10
C ILE A 84 1.61 13.12 -2.39
N VAL A 85 0.88 12.15 -1.85
CA VAL A 85 -0.58 12.06 -2.10
C VAL A 85 -1.28 11.84 -0.76
N GLN A 86 -2.46 12.45 -0.59
CA GLN A 86 -3.27 12.28 0.64
C GLN A 86 -4.77 12.36 0.33
N GLY A 87 -5.57 11.58 1.06
CA GLY A 87 -7.06 11.69 1.02
C GLY A 87 -7.61 11.98 2.39
N VAL A 88 -8.42 13.05 2.51
CA VAL A 88 -9.11 13.40 3.74
C VAL A 88 -10.62 13.59 3.46
N HIS A 89 -11.38 12.54 3.71
CA HIS A 89 -12.78 12.44 3.30
C HIS A 89 -13.78 12.52 4.45
N LYS A 90 -15.05 12.67 4.07
CA LYS A 90 -16.16 12.62 5.01
C LYS A 90 -17.22 11.78 4.32
N ILE A 91 -16.99 10.47 4.32
CA ILE A 91 -17.74 9.53 3.50
C ILE A 91 -19.24 9.51 3.81
N SER A 92 -19.57 9.83 5.06
CA SER A 92 -20.94 9.76 5.51
C SER A 92 -21.70 10.99 5.02
N GLU A 93 -20.98 12.07 4.73
CA GLU A 93 -21.56 13.22 4.05
C GLU A 93 -21.42 13.17 2.51
N GLY A 94 -20.79 12.15 1.96
CA GLY A 94 -20.52 12.15 0.52
C GLY A 94 -19.46 13.17 0.08
N ILE A 95 -18.37 13.31 0.85
CA ILE A 95 -17.31 14.29 0.55
C ILE A 95 -15.95 13.60 0.46
N LEU A 96 -15.31 13.75 -0.69
CA LEU A 96 -13.94 13.36 -0.87
C LEU A 96 -13.08 14.58 -1.09
N ASN A 97 -11.89 14.59 -0.48
CA ASN A 97 -10.89 15.60 -0.68
C ASN A 97 -9.53 14.92 -0.87
N LEU A 98 -8.96 15.13 -2.06
CA LEU A 98 -7.78 14.45 -2.54
C LEU A 98 -6.75 15.48 -2.96
N SER A 99 -5.49 15.21 -2.64
CA SER A 99 -4.38 16.06 -3.03
C SER A 99 -3.21 15.22 -3.42
N ARG A 100 -2.56 15.62 -4.49
CA ARG A 100 -1.30 15.07 -4.90
C ARG A 100 -0.45 16.17 -5.51
N SER A 101 0.80 16.30 -5.06
CA SER A 101 1.75 17.29 -5.57
C SER A 101 3.18 16.73 -5.69
N TYR A 102 3.96 17.24 -6.65
CA TYR A 102 5.41 17.11 -6.61
C TYR A 102 5.98 18.03 -5.54
N THR A 103 7.06 17.60 -4.89
CA THR A 103 7.72 18.41 -3.87
C THR A 103 9.13 18.87 -4.28
N ALA A 104 9.79 18.09 -5.14
CA ALA A 104 11.13 18.42 -5.65
C ALA A 104 10.98 19.30 -6.92
N LEU A 105 10.50 20.52 -6.72
CA LEU A 105 10.07 21.38 -7.84
C LEU A 105 11.24 21.85 -8.66
N GLU A 106 12.34 22.16 -7.98
CA GLU A 106 13.57 22.55 -8.69
C GLU A 106 14.03 21.45 -9.70
N VAL A 107 14.04 20.19 -9.26
CA VAL A 107 14.36 19.04 -10.15
C VAL A 107 13.39 19.03 -11.35
N TYR A 108 12.09 19.10 -11.03
CA TYR A 108 11.03 19.23 -12.03
C TYR A 108 11.26 20.41 -13.00
N ARG A 109 11.43 21.62 -12.48
CA ARG A 109 11.66 22.76 -13.35
C ARG A 109 12.85 22.47 -14.26
N ALA A 110 13.88 21.81 -13.73
CA ALA A 110 15.12 21.60 -14.51
C ALA A 110 14.92 20.70 -15.75
N SER A 111 13.89 19.85 -15.74
CA SER A 111 13.64 19.00 -16.87
C SER A 111 13.09 19.76 -18.08
N GLU A 112 12.51 20.94 -17.85
CA GLU A 112 11.89 21.73 -18.92
C GLU A 112 10.81 20.96 -19.64
N SER A 113 10.24 19.96 -18.96
CA SER A 113 9.16 19.15 -19.52
CA SER A 113 9.16 19.16 -19.52
C SER A 113 7.97 19.13 -18.56
N PRO A 114 7.16 20.21 -18.56
CA PRO A 114 5.99 20.26 -17.68
C PRO A 114 4.92 19.26 -18.09
N GLU A 115 4.22 18.69 -17.11
CA GLU A 115 3.08 17.85 -17.36
C GLU A 115 1.83 18.73 -17.34
N GLU A 116 1.21 18.94 -18.51
CA GLU A 116 0.14 19.96 -18.61
C GLU A 116 -1.23 19.40 -18.97
N THR A 117 -1.22 18.17 -19.48
CA THR A 117 -2.44 17.53 -19.95
C THR A 117 -2.42 16.05 -19.62
N GLY A 118 -3.46 15.56 -18.96
CA GLY A 118 -3.54 14.16 -18.65
C GLY A 118 -4.39 13.86 -17.44
N THR A 119 -4.42 12.59 -17.07
CA THR A 119 -5.24 12.18 -15.93
C THR A 119 -4.45 12.33 -14.61
N LEU A 120 -5.20 12.63 -13.55
CA LEU A 120 -4.66 12.96 -12.23
C LEU A 120 -4.96 11.91 -11.17
N ALA A 121 -6.11 11.25 -11.30
CA ALA A 121 -6.67 10.49 -10.21
C ALA A 121 -7.92 9.74 -10.66
N VAL A 122 -8.01 8.50 -10.17
CA VAL A 122 -9.16 7.66 -10.42
C VAL A 122 -9.78 7.21 -9.11
N VAL A 123 -11.09 7.43 -9.01
CA VAL A 123 -11.87 7.01 -7.90
C VAL A 123 -12.98 6.10 -8.46
N GLY A 124 -13.49 5.19 -7.62
CA GLY A 124 -14.58 4.28 -7.99
C GLY A 124 -15.87 4.73 -7.34
N PHE A 125 -16.99 4.55 -8.03
CA PHE A 125 -18.29 4.82 -7.42
C PHE A 125 -19.19 3.59 -7.67
N LYS A 126 -19.48 2.86 -6.61
CA LYS A 126 -20.36 1.68 -6.67
C LYS A 126 -21.82 2.11 -6.49
N VAL A 127 -22.66 1.68 -7.44
CA VAL A 127 -24.08 2.04 -7.44
C VAL A 127 -24.80 1.32 -6.29
N LEU A 128 -25.46 2.10 -5.44
CA LEU A 128 -26.24 1.62 -4.30
C LEU A 128 -27.77 1.67 -4.55
N GLN A 129 -28.15 2.44 -5.56
CA GLN A 129 -29.53 2.59 -6.01
C GLN A 129 -29.36 2.99 -7.47
N LYS A 130 -30.10 2.34 -8.37
CA LYS A 130 -30.15 2.80 -9.75
C LYS A 130 -31.08 4.02 -9.83
N LYS A 131 -30.62 5.15 -9.30
CA LYS A 131 -31.41 6.38 -9.14
C LYS A 131 -30.60 7.57 -9.69
N ALA A 132 -31.30 8.56 -10.26
CA ALA A 132 -30.67 9.71 -10.92
C ALA A 132 -29.73 10.46 -10.00
N THR A 133 -28.46 10.56 -10.41
CA THR A 133 -27.47 11.08 -9.47
C THR A 133 -26.32 11.81 -10.14
N THR A 134 -25.88 12.89 -9.48
CA THR A 134 -24.73 13.68 -9.96
C THR A 134 -23.59 13.82 -8.93
N VAL A 135 -22.37 13.79 -9.45
CA VAL A 135 -21.16 14.06 -8.70
C VAL A 135 -20.66 15.43 -9.14
N VAL A 136 -20.28 16.29 -8.19
CA VAL A 136 -19.74 17.60 -8.51
C VAL A 136 -18.39 17.93 -7.81
N PHE A 137 -17.58 18.78 -8.46
CA PHE A 137 -16.52 19.51 -7.79
C PHE A 137 -17.23 20.63 -7.08
N GLU A 138 -16.91 20.83 -5.82
CA GLU A 138 -17.65 21.78 -5.05
C GLU A 138 -16.79 22.38 -3.97
N ASP A 139 -16.88 23.69 -3.82
CA ASP A 139 -16.09 24.32 -2.78
CA ASP A 139 -16.22 24.45 -2.77
C ASP A 139 -16.41 23.80 -1.39
N SER A 140 -15.40 23.93 -0.54
CA SER A 140 -15.45 23.47 0.84
CA SER A 140 -15.59 23.54 0.84
C SER A 140 -15.12 24.65 1.75
N GLU A 141 -15.58 24.59 2.98
CA GLU A 141 -15.23 25.60 3.96
C GLU A 141 -13.70 25.60 4.07
N THR A 142 -13.10 24.43 3.87
CA THR A 142 -11.65 24.28 3.99
C THR A 142 -10.84 24.74 2.74
N MET A 143 -11.50 25.04 1.62
CA MET A 143 -10.81 25.58 0.42
C MET A 143 -11.18 27.08 0.13
N PRO A 144 -10.82 28.01 1.05
CA PRO A 144 -11.17 29.44 0.89
C PRO A 144 -10.83 29.92 -0.50
N ASN A 145 -9.72 29.41 -1.02
CA ASN A 145 -9.29 29.75 -2.37
C ASN A 145 -9.77 28.77 -3.46
N GLY A 146 -10.57 27.77 -3.12
CA GLY A 146 -11.00 26.76 -4.12
C GLY A 146 -11.74 27.37 -5.32
N ILE A 147 -11.34 27.06 -6.55
CA ILE A 147 -12.11 27.48 -7.72
C ILE A 147 -13.06 26.35 -7.99
N THR A 148 -14.32 26.52 -7.57
CA THR A 148 -15.31 25.45 -7.72
C THR A 148 -14.75 24.09 -7.24
N GLY A 149 -14.22 24.07 -6.02
CA GLY A 149 -13.73 22.85 -5.40
C GLY A 149 -12.37 22.39 -5.91
N THR A 150 -11.62 23.27 -6.57
CA THR A 150 -10.33 22.88 -7.17
C THR A 150 -9.24 23.89 -6.84
N THR A 151 -8.03 23.37 -6.59
CA THR A 151 -6.83 24.22 -6.50
C THR A 151 -5.72 23.51 -7.25
N LEU A 152 -5.10 24.23 -8.17
CA LEU A 152 -4.05 23.67 -9.01
C LEU A 152 -2.82 24.55 -8.77
N PHE A 153 -1.63 23.92 -8.78
CA PHE A 153 -0.37 24.64 -8.56
C PHE A 153 0.55 24.49 -9.74
N ASN A 154 1.46 25.45 -9.91
CA ASN A 154 2.50 25.32 -10.91
C ASN A 154 3.86 25.02 -10.25
N TRP A 155 4.87 24.82 -11.08
CA TRP A 155 6.16 24.30 -10.56
C TRP A 155 7.09 25.34 -9.85
N TYR A 156 6.58 26.56 -9.64
CA TYR A 156 7.23 27.47 -8.70
C TYR A 156 6.58 27.40 -7.32
N GLY A 157 5.54 26.57 -7.18
CA GLY A 157 4.74 26.46 -5.94
C GLY A 157 3.68 27.56 -5.87
N ASN A 158 3.31 28.10 -7.04
CA ASN A 158 2.25 29.12 -7.10
C ASN A 158 0.88 28.51 -7.44
N ARG A 159 -0.14 29.02 -6.76
CA ARG A 159 -1.52 28.65 -7.07
C ARG A 159 -1.91 29.24 -8.43
N ILE A 160 -2.56 28.44 -9.28
CA ILE A 160 -3.06 28.96 -10.55
C ILE A 160 -4.40 29.64 -10.23
N GLN A 161 -4.42 30.98 -10.29
CA GLN A 161 -5.52 31.74 -9.70
C GLN A 161 -6.71 31.96 -10.64
N SER A 162 -6.52 31.68 -11.93
CA SER A 162 -7.57 31.84 -12.94
C SER A 162 -7.11 31.24 -14.26
N GLY A 163 -7.95 31.36 -15.28
CA GLY A 163 -7.54 30.88 -16.59
C GLY A 163 -7.94 29.47 -16.98
N TYR A 164 -8.64 28.77 -16.10
CA TYR A 164 -9.13 27.46 -16.52
C TYR A 164 -10.59 27.27 -16.08
N PHE A 165 -11.27 26.34 -16.75
CA PHE A 165 -12.66 25.97 -16.46
C PHE A 165 -12.73 24.72 -15.63
N VAL A 166 -13.69 24.65 -14.73
CA VAL A 166 -14.01 23.39 -14.02
C VAL A 166 -15.25 22.82 -14.70
N ILE A 167 -15.12 21.70 -15.42
CA ILE A 167 -16.23 21.18 -16.21
C ILE A 167 -16.84 20.03 -15.39
N GLN A 168 -18.04 20.24 -14.88
CA GLN A 168 -18.74 19.23 -14.04
C GLN A 168 -19.08 18.00 -14.88
N PRO A 169 -19.01 16.80 -14.30
CA PRO A 169 -19.03 15.58 -15.12
C PRO A 169 -20.35 15.16 -15.75
N GLY A 170 -21.49 15.61 -15.25
CA GLY A 170 -22.76 15.17 -15.85
C GLY A 170 -23.40 13.97 -15.13
N GLU A 171 -24.67 13.72 -15.42
CA GLU A 171 -25.50 12.85 -14.59
C GLU A 171 -25.18 11.37 -14.71
N ILE A 172 -25.44 10.62 -13.63
CA ILE A 172 -25.28 9.17 -13.63
C ILE A 172 -26.65 8.52 -13.56
N ASN A 173 -26.82 7.44 -14.32
N ASN A 173 -26.77 7.42 -14.30
CA ASN A 173 -28.10 6.76 -14.48
CA ASN A 173 -28.03 6.74 -14.63
C ASN A 173 -29.25 7.75 -14.60
C ASN A 173 -29.22 7.70 -14.65
N SER A 174 -29.24 8.52 -15.69
CA SER A 174 -30.24 9.57 -15.90
C SER A 174 -31.60 8.97 -16.17
N ALA A 175 -32.62 9.52 -15.52
CA ALA A 175 -33.99 9.09 -15.73
C ALA A 175 -34.41 9.41 -17.16
N PRO A 176 -34.38 8.41 -18.09
CA PRO A 176 -34.73 8.74 -19.48
C PRO A 176 -36.23 8.89 -19.65
N MET B 6 -16.76 -27.77 -9.63
N MET B 6 -16.69 -27.51 -8.49
CA MET B 6 -16.24 -26.80 -10.65
CA MET B 6 -15.80 -26.66 -9.35
C MET B 6 -16.95 -25.43 -10.62
C MET B 6 -16.39 -25.27 -9.63
N ILE B 7 -17.72 -25.16 -9.57
CA ILE B 7 -18.44 -23.86 -9.52
C ILE B 7 -17.97 -22.97 -8.32
N LYS B 8 -18.85 -22.14 -7.74
CA LYS B 8 -18.38 -21.32 -6.62
C LYS B 8 -18.49 -21.79 -5.16
N ALA B 9 -18.18 -23.08 -5.05
CA ALA B 9 -17.88 -23.76 -3.81
C ALA B 9 -16.55 -23.28 -3.22
N SER B 10 -16.33 -23.59 -1.94
CA SER B 10 -15.02 -23.42 -1.26
C SER B 10 -14.22 -24.69 -1.39
N TYR B 11 -12.98 -24.61 -1.85
CA TYR B 11 -12.18 -25.83 -2.06
C TYR B 11 -10.68 -25.55 -2.11
N ILE B 12 -9.92 -26.63 -2.03
CA ILE B 12 -8.50 -26.59 -2.33
C ILE B 12 -8.26 -27.58 -3.43
N THR B 13 -7.37 -27.24 -4.36
CA THR B 13 -7.07 -28.11 -5.46
C THR B 13 -5.60 -27.95 -5.89
N MET B 14 -5.21 -28.65 -6.96
CA MET B 14 -3.90 -28.51 -7.58
C MET B 14 -4.13 -28.42 -9.11
N GLY B 15 -3.44 -27.52 -9.78
CA GLY B 15 -3.50 -27.47 -11.24
C GLY B 15 -2.11 -27.70 -11.82
N TYR B 16 -2.06 -27.98 -13.12
CA TYR B 16 -0.83 -28.11 -13.83
C TYR B 16 -0.73 -27.07 -14.94
N ASP B 17 0.48 -26.56 -15.21
CA ASP B 17 0.67 -25.76 -16.41
C ASP B 17 0.53 -26.60 -17.69
N LYS B 18 0.88 -27.87 -17.58
N LYS B 18 0.82 -27.88 -17.62
CA LYS B 18 0.75 -28.87 -18.66
CA LYS B 18 0.55 -28.78 -18.73
C LYS B 18 0.26 -30.14 -18.02
C LYS B 18 0.39 -30.20 -18.21
N ASN B 19 -0.65 -30.87 -18.66
CA ASN B 19 -0.89 -32.26 -18.21
C ASN B 19 -0.30 -33.33 -19.06
N ALA B 20 0.54 -32.91 -20.01
CA ALA B 20 1.32 -33.85 -20.82
C ALA B 20 2.72 -33.27 -20.96
N ALA B 21 3.74 -34.12 -20.86
CA ALA B 21 5.15 -33.69 -20.91
C ALA B 21 6.07 -34.85 -21.24
N GLU B 22 7.14 -34.56 -22.00
CA GLU B 22 8.21 -35.52 -22.31
C GLU B 22 9.19 -35.70 -21.17
N VAL B 23 9.98 -36.75 -21.27
CA VAL B 23 11.05 -36.99 -20.31
C VAL B 23 11.99 -35.76 -20.15
N GLY B 24 12.21 -35.38 -18.89
CA GLY B 24 13.12 -34.30 -18.56
C GLY B 24 12.43 -32.96 -18.51
N GLU B 25 11.22 -32.89 -19.07
CA GLU B 25 10.38 -31.67 -18.94
C GLU B 25 9.77 -31.59 -17.52
N ILE B 26 9.47 -30.38 -17.07
CA ILE B 26 8.99 -30.20 -15.70
C ILE B 26 7.56 -29.72 -15.79
N ILE B 27 6.68 -30.36 -15.03
CA ILE B 27 5.30 -29.88 -14.90
C ILE B 27 5.24 -29.03 -13.64
N LYS B 28 4.73 -27.81 -13.76
CA LYS B 28 4.57 -26.91 -12.64
C LYS B 28 3.21 -27.27 -12.04
N ALA B 29 3.23 -27.75 -10.79
CA ALA B 29 1.99 -28.12 -10.11
C ALA B 29 1.73 -27.06 -9.04
N THR B 30 0.60 -26.41 -9.13
CA THR B 30 0.26 -25.31 -8.23
C THR B 30 -0.90 -25.67 -7.31
N VAL B 31 -0.67 -25.55 -6.01
CA VAL B 31 -1.73 -25.73 -5.02
C VAL B 31 -2.41 -24.39 -4.85
N LYS B 32 -3.75 -24.44 -4.93
CA LYS B 32 -4.56 -23.22 -4.90
C LYS B 32 -5.91 -23.46 -4.22
N ILE B 33 -6.48 -22.37 -3.72
CA ILE B 33 -7.73 -22.40 -3.00
C ILE B 33 -8.72 -21.41 -3.59
N ASN B 34 -10.00 -21.66 -3.31
CA ASN B 34 -11.06 -20.80 -3.72
C ASN B 34 -12.01 -20.55 -2.55
N LYS B 35 -12.22 -19.27 -2.24
CA LYS B 35 -13.17 -18.86 -1.21
C LYS B 35 -13.00 -19.56 0.13
N ILE B 36 -11.79 -19.50 0.68
CA ILE B 36 -11.59 -20.06 2.02
C ILE B 36 -11.63 -18.90 3.00
N THR B 37 -12.66 -18.88 3.86
CA THR B 37 -12.97 -17.73 4.71
C THR B 37 -11.83 -17.40 5.67
N ASN B 38 -11.33 -16.16 5.61
CA ASN B 38 -10.25 -15.69 6.50
C ASN B 38 -9.02 -16.62 6.58
N PHE B 39 -8.65 -17.22 5.45
CA PHE B 39 -7.52 -18.15 5.35
C PHE B 39 -6.21 -17.50 5.83
N SER B 40 -5.38 -18.22 6.61
CA SER B 40 -4.06 -17.74 6.99
C SER B 40 -2.92 -18.79 6.87
N GLY B 41 -3.23 -19.99 6.43
CA GLY B 41 -2.16 -20.98 6.27
C GLY B 41 -2.62 -22.35 5.96
N TYR B 42 -1.70 -23.18 5.46
CA TYR B 42 -2.07 -24.50 4.99
C TYR B 42 -1.02 -25.51 5.45
N GLN B 43 -1.43 -26.77 5.45
CA GLN B 43 -0.52 -27.91 5.50
C GLN B 43 -1.15 -28.90 4.54
N VAL B 44 -0.36 -29.43 3.60
CA VAL B 44 -0.88 -30.41 2.67
C VAL B 44 0.11 -31.58 2.55
N ASN B 45 -0.44 -32.76 2.33
CA ASN B 45 0.33 -33.97 2.18
C ASN B 45 0.01 -34.51 0.79
N ILE B 46 1.05 -34.68 -0.03
CA ILE B 46 0.83 -34.99 -1.41
C ILE B 46 1.56 -36.31 -1.74
N LYS B 47 0.89 -37.18 -2.50
CA LYS B 47 1.48 -38.46 -2.87
C LYS B 47 1.74 -38.49 -4.38
N TYR B 48 2.94 -38.89 -4.76
CA TYR B 48 3.24 -39.13 -6.17
C TYR B 48 4.08 -40.39 -6.30
N ASP B 49 4.24 -40.84 -7.55
CA ASP B 49 5.00 -42.02 -7.84
C ASP B 49 6.40 -41.57 -8.21
N PRO B 50 7.37 -41.82 -7.30
CA PRO B 50 8.71 -41.25 -7.44
C PRO B 50 9.58 -41.90 -8.53
N THR B 51 9.06 -42.95 -9.17
CA THR B 51 9.81 -43.59 -10.26
C THR B 51 9.37 -43.00 -11.59
N VAL B 52 8.22 -42.31 -11.58
CA VAL B 52 7.68 -41.67 -12.76
C VAL B 52 7.98 -40.15 -12.74
N LEU B 53 7.82 -39.51 -11.57
CA LEU B 53 8.01 -38.06 -11.46
C LEU B 53 9.00 -37.79 -10.35
N GLN B 54 9.82 -36.76 -10.53
CA GLN B 54 10.77 -36.33 -9.52
C GLN B 54 10.46 -34.91 -9.06
N ALA B 55 10.22 -34.77 -7.76
CA ALA B 55 9.90 -33.46 -7.20
C ALA B 55 11.12 -32.55 -7.32
N VAL B 56 10.91 -31.36 -7.89
CA VAL B 56 11.97 -30.37 -8.08
C VAL B 56 11.47 -28.95 -7.81
N ASN B 57 12.43 -28.08 -7.52
CA ASN B 57 12.13 -26.70 -7.35
C ASN B 57 11.81 -26.15 -8.74
N PRO B 58 10.59 -25.55 -8.90
CA PRO B 58 10.19 -25.11 -10.26
C PRO B 58 10.96 -23.86 -10.72
N LYS B 59 11.78 -23.27 -9.85
CA LYS B 59 12.61 -22.11 -10.24
C LYS B 59 14.08 -22.45 -10.51
N THR B 60 14.64 -23.36 -9.72
CA THR B 60 16.04 -23.69 -9.79
C THR B 60 16.27 -25.03 -10.45
N GLY B 61 15.22 -25.84 -10.60
CA GLY B 61 15.38 -27.19 -11.14
C GLY B 61 16.01 -28.23 -10.19
N VAL B 62 16.46 -27.80 -9.01
CA VAL B 62 17.12 -28.70 -8.04
C VAL B 62 16.14 -29.76 -7.46
N ALA B 63 16.53 -31.03 -7.43
CA ALA B 63 15.67 -32.08 -6.86
C ALA B 63 15.36 -31.81 -5.40
N TYR B 64 14.10 -32.04 -5.01
CA TYR B 64 13.72 -31.92 -3.62
C TYR B 64 14.43 -33.01 -2.83
N THR B 65 15.00 -32.60 -1.69
CA THR B 65 15.46 -33.51 -0.67
C THR B 65 14.47 -33.42 0.51
N ASN B 66 14.85 -33.97 1.66
CA ASN B 66 13.87 -34.24 2.74
C ASN B 66 13.25 -33.01 3.40
N SER B 67 13.83 -31.83 3.18
CA SER B 67 13.40 -30.61 3.86
C SER B 67 13.10 -29.40 2.90
N SER B 68 12.99 -29.70 1.61
CA SER B 68 12.87 -28.70 0.56
C SER B 68 11.58 -27.87 0.69
N LEU B 69 11.73 -26.57 0.59
CA LEU B 69 10.63 -25.62 0.79
C LEU B 69 9.85 -25.49 -0.50
N PRO B 70 8.52 -25.37 -0.42
CA PRO B 70 7.75 -25.16 -1.66
C PRO B 70 8.00 -23.74 -2.10
N THR B 71 7.88 -23.53 -3.40
CA THR B 71 7.96 -22.22 -3.98
C THR B 71 6.62 -21.49 -3.69
N SER B 72 6.70 -20.24 -3.26
CA SER B 72 5.48 -19.50 -2.92
C SER B 72 4.55 -19.18 -4.10
N GLY B 73 3.27 -19.01 -3.78
CA GLY B 73 2.26 -18.62 -4.78
C GLY B 73 1.94 -17.16 -4.57
N GLU B 74 0.73 -16.76 -4.94
N GLU B 74 0.73 -16.74 -4.94
CA GLU B 74 0.26 -15.37 -4.81
CA GLU B 74 0.34 -15.31 -4.78
C GLU B 74 -0.09 -15.01 -3.37
C GLU B 74 -0.14 -14.98 -3.38
N LEU B 75 -0.58 -16.00 -2.63
CA LEU B 75 -1.02 -15.79 -1.24
C LEU B 75 0.11 -16.09 -0.27
N LEU B 76 -0.02 -15.61 0.97
CA LEU B 76 0.91 -15.90 2.05
C LEU B 76 2.32 -15.30 1.78
N VAL B 77 2.38 -14.22 1.00
CA VAL B 77 3.66 -13.54 0.74
C VAL B 77 3.72 -12.09 1.25
N SER B 78 2.69 -11.66 1.96
CA SER B 78 2.78 -10.35 2.64
C SER B 78 3.69 -10.40 3.90
N GLU B 79 4.85 -9.75 3.82
CA GLU B 79 5.82 -9.83 4.91
C GLU B 79 5.38 -9.23 6.20
N ASP B 80 4.55 -8.18 6.16
CA ASP B 80 3.93 -7.68 7.41
C ASP B 80 3.04 -8.69 8.18
N TYR B 81 2.67 -9.83 7.57
CA TYR B 81 1.92 -10.85 8.35
C TYR B 81 2.79 -12.01 8.83
N GLY B 82 4.09 -11.94 8.57
CA GLY B 82 5.07 -12.87 9.16
C GLY B 82 4.88 -14.29 8.66
N PRO B 83 4.96 -14.51 7.33
CA PRO B 83 4.72 -15.91 6.92
C PRO B 83 5.93 -16.79 7.29
N ILE B 84 5.69 -18.05 7.64
CA ILE B 84 6.79 -19.01 7.84
C ILE B 84 6.40 -20.27 7.06
N VAL B 85 7.40 -21.06 6.69
CA VAL B 85 7.23 -22.07 5.67
C VAL B 85 8.12 -23.27 6.05
N GLN B 86 7.66 -24.49 5.71
CA GLN B 86 8.45 -25.69 6.03
C GLN B 86 8.08 -26.79 5.08
N GLY B 87 9.04 -27.61 4.69
CA GLY B 87 8.70 -28.91 4.06
C GLY B 87 9.28 -30.08 4.82
N VAL B 88 8.59 -31.23 4.78
CA VAL B 88 9.10 -32.51 5.34
C VAL B 88 8.65 -33.65 4.43
N HIS B 89 9.59 -34.29 3.76
CA HIS B 89 9.26 -35.23 2.66
C HIS B 89 9.89 -36.60 2.90
N LYS B 90 9.27 -37.62 2.35
CA LYS B 90 9.91 -38.93 2.19
C LYS B 90 9.98 -39.19 0.69
N ILE B 91 11.05 -38.68 0.09
CA ILE B 91 11.24 -38.63 -1.35
C ILE B 91 11.16 -40.03 -1.98
N SER B 92 11.78 -41.00 -1.30
CA SER B 92 11.83 -42.38 -1.80
C SER B 92 10.44 -43.00 -1.76
N GLU B 93 9.51 -42.41 -0.99
CA GLU B 93 8.14 -42.91 -0.94
C GLU B 93 7.16 -42.06 -1.77
N GLY B 94 7.69 -41.03 -2.45
CA GLY B 94 6.84 -40.10 -3.21
C GLY B 94 5.78 -39.41 -2.36
N ILE B 95 6.19 -39.00 -1.17
CA ILE B 95 5.36 -38.24 -0.26
C ILE B 95 5.98 -36.86 0.09
N LEU B 96 5.21 -35.79 -0.11
CA LEU B 96 5.65 -34.46 0.23
C LEU B 96 4.75 -33.91 1.28
N ASN B 97 5.30 -33.11 2.20
CA ASN B 97 4.46 -32.46 3.16
C ASN B 97 4.89 -31.00 3.28
N LEU B 98 3.97 -30.08 2.99
CA LEU B 98 4.36 -28.68 2.86
C LEU B 98 3.47 -27.88 3.76
N SER B 99 4.03 -26.84 4.40
CA SER B 99 3.25 -25.93 5.23
C SER B 99 3.71 -24.52 5.04
N ARG B 100 2.77 -23.58 5.04
CA ARG B 100 3.13 -22.18 5.11
C ARG B 100 2.02 -21.50 5.87
N SER B 101 2.35 -20.63 6.83
CA SER B 101 1.32 -19.92 7.58
C SER B 101 1.76 -18.51 7.90
N TYR B 102 0.79 -17.58 7.92
CA TYR B 102 1.08 -16.27 8.54
C TYR B 102 1.22 -16.44 10.05
N THR B 103 2.02 -15.59 10.69
CA THR B 103 2.09 -15.67 12.14
C THR B 103 1.64 -14.41 12.88
N ALA B 104 1.66 -13.25 12.20
CA ALA B 104 1.26 -12.01 12.87
C ALA B 104 -0.26 -11.82 12.71
N LEU B 105 -1.02 -12.62 13.45
CA LEU B 105 -2.48 -12.79 13.20
C LEU B 105 -3.32 -11.59 13.57
N GLU B 106 -2.98 -10.92 14.67
N GLU B 106 -2.95 -10.89 14.64
CA GLU B 106 -3.63 -9.66 15.00
CA GLU B 106 -3.61 -9.64 15.05
C GLU B 106 -3.48 -8.67 13.85
C GLU B 106 -3.39 -8.48 14.06
N VAL B 107 -2.24 -8.46 13.41
CA VAL B 107 -1.96 -7.48 12.35
C VAL B 107 -2.80 -7.86 11.11
N TYR B 108 -2.82 -9.14 10.78
CA TYR B 108 -3.54 -9.62 9.59
C TYR B 108 -5.06 -9.39 9.76
N ARG B 109 -5.59 -9.71 10.95
CA ARG B 109 -7.01 -9.47 11.24
C ARG B 109 -7.32 -7.97 11.15
N ALA B 110 -6.42 -7.14 11.68
CA ALA B 110 -6.60 -5.68 11.61
C ALA B 110 -6.71 -5.09 10.20
N SER B 111 -6.08 -5.72 9.20
CA SER B 111 -6.20 -5.29 7.80
C SER B 111 -7.63 -5.44 7.25
N GLU B 112 -8.44 -6.27 7.89
CA GLU B 112 -9.78 -6.56 7.39
C GLU B 112 -9.76 -6.87 5.89
N SER B 113 -8.67 -7.47 5.41
N SER B 113 -8.67 -7.50 5.44
CA SER B 113 -8.63 -7.89 4.02
CA SER B 113 -8.52 -7.89 4.04
C SER B 113 -8.02 -9.29 3.90
C SER B 113 -7.98 -9.31 3.91
N PRO B 114 -8.88 -10.30 4.05
CA PRO B 114 -8.45 -11.70 4.01
C PRO B 114 -8.06 -12.14 2.61
N GLU B 115 -7.05 -12.99 2.57
CA GLU B 115 -6.65 -13.64 1.36
C GLU B 115 -7.47 -14.94 1.30
N GLU B 116 -8.37 -15.08 0.33
CA GLU B 116 -9.32 -16.17 0.40
C GLU B 116 -9.27 -17.03 -0.83
N THR B 117 -8.80 -16.44 -1.93
CA THR B 117 -8.72 -17.15 -3.19
C THR B 117 -7.35 -16.88 -3.80
N GLY B 118 -6.67 -17.90 -4.25
CA GLY B 118 -5.37 -17.68 -4.94
C GLY B 118 -4.44 -18.89 -4.83
N THR B 119 -3.24 -18.75 -5.40
CA THR B 119 -2.28 -19.85 -5.41
C THR B 119 -1.50 -19.87 -4.09
N LEU B 120 -1.17 -21.08 -3.64
CA LEU B 120 -0.51 -21.28 -2.34
C LEU B 120 0.93 -21.74 -2.45
N ALA B 121 1.20 -22.65 -3.37
CA ALA B 121 2.50 -23.29 -3.43
C ALA B 121 2.72 -23.82 -4.82
N VAL B 122 3.97 -23.84 -5.25
CA VAL B 122 4.31 -24.35 -6.54
C VAL B 122 5.39 -25.42 -6.38
N VAL B 123 5.17 -26.58 -6.97
CA VAL B 123 6.14 -27.67 -6.90
C VAL B 123 6.38 -28.08 -8.32
N GLY B 124 7.60 -28.44 -8.65
CA GLY B 124 7.89 -28.94 -10.00
C GLY B 124 7.87 -30.46 -10.00
N PHE B 125 7.32 -31.05 -11.06
CA PHE B 125 7.46 -32.50 -11.27
C PHE B 125 8.16 -32.78 -12.59
N LYS B 126 9.43 -33.18 -12.48
CA LYS B 126 10.22 -33.48 -13.65
C LYS B 126 9.86 -34.89 -14.13
N VAL B 127 9.52 -35.03 -15.41
CA VAL B 127 9.14 -36.35 -15.91
C VAL B 127 10.35 -37.27 -16.08
N LEU B 128 10.29 -38.41 -15.39
CA LEU B 128 11.28 -39.50 -15.49
C LEU B 128 10.84 -40.55 -16.52
N GLN B 129 9.56 -40.84 -16.52
CA GLN B 129 9.00 -41.75 -17.54
C GLN B 129 7.74 -41.14 -18.07
N LYS B 130 7.59 -41.17 -19.38
CA LYS B 130 6.39 -40.65 -20.02
C LYS B 130 5.37 -41.77 -19.99
N LYS B 131 4.48 -41.68 -19.01
CA LYS B 131 3.63 -42.80 -18.64
C LYS B 131 2.49 -42.21 -17.80
N ALA B 132 1.26 -42.70 -18.02
CA ALA B 132 0.08 -42.25 -17.27
C ALA B 132 0.32 -42.29 -15.77
N THR B 133 0.05 -41.18 -15.09
CA THR B 133 0.41 -41.10 -13.68
C THR B 133 -0.46 -40.12 -12.89
N THR B 134 -0.58 -40.41 -11.60
CA THR B 134 -1.46 -39.65 -10.72
C THR B 134 -0.74 -39.00 -9.56
N VAL B 135 -1.08 -37.75 -9.29
CA VAL B 135 -0.69 -37.04 -8.09
C VAL B 135 -1.99 -36.75 -7.29
N VAL B 136 -1.93 -37.00 -5.97
CA VAL B 136 -3.09 -36.74 -5.08
C VAL B 136 -2.71 -36.12 -3.73
N PHE B 137 -3.67 -35.37 -3.17
CA PHE B 137 -3.65 -35.06 -1.77
C PHE B 137 -4.05 -36.34 -1.06
N GLU B 138 -3.31 -36.67 -0.02
CA GLU B 138 -3.51 -37.95 0.65
C GLU B 138 -3.34 -37.79 2.13
N ASP B 139 -4.29 -38.32 2.88
CA ASP B 139 -4.16 -38.48 4.34
C ASP B 139 -2.87 -39.17 4.78
N SER B 140 -2.33 -38.74 5.91
N SER B 140 -2.33 -38.74 5.93
CA SER B 140 -1.17 -39.37 6.52
CA SER B 140 -1.15 -39.33 6.53
C SER B 140 -1.47 -39.59 8.00
C SER B 140 -1.45 -39.57 8.01
N GLU B 141 -0.86 -40.62 8.56
CA GLU B 141 -0.94 -40.90 10.02
C GLU B 141 -0.52 -39.67 10.82
N THR B 142 0.56 -39.04 10.37
CA THR B 142 1.06 -37.76 10.93
C THR B 142 0.08 -36.56 10.81
N MET B 143 -0.98 -36.71 10.02
CA MET B 143 -2.03 -35.67 9.96
C MET B 143 -3.39 -36.22 10.36
N PRO B 144 -3.62 -36.46 11.67
CA PRO B 144 -4.91 -37.03 12.11
C PRO B 144 -6.14 -36.20 11.74
N ASN B 145 -6.02 -34.88 11.76
CA ASN B 145 -7.17 -34.05 11.48
C ASN B 145 -7.31 -33.60 10.01
N GLY B 146 -6.47 -34.14 9.14
CA GLY B 146 -6.52 -33.75 7.72
C GLY B 146 -7.84 -34.11 7.05
N ILE B 147 -8.32 -33.20 6.22
CA ILE B 147 -9.38 -33.49 5.26
C ILE B 147 -8.69 -33.85 3.91
N THR B 148 -8.72 -35.13 3.56
CA THR B 148 -8.01 -35.69 2.36
C THR B 148 -6.61 -35.09 2.23
N GLY B 149 -5.84 -35.18 3.32
CA GLY B 149 -4.47 -34.72 3.33
C GLY B 149 -4.30 -33.21 3.36
N THR B 150 -5.33 -32.45 3.77
CA THR B 150 -5.22 -30.98 3.85
C THR B 150 -5.67 -30.42 5.21
N THR B 151 -4.91 -29.49 5.78
CA THR B 151 -5.37 -28.70 6.95
C THR B 151 -5.20 -27.22 6.63
N LEU B 152 -6.29 -26.46 6.72
CA LEU B 152 -6.28 -25.01 6.47
C LEU B 152 -6.54 -24.33 7.79
N PHE B 153 -5.96 -23.15 7.99
CA PHE B 153 -6.12 -22.38 9.21
C PHE B 153 -6.69 -21.02 8.83
N ASN B 154 -7.40 -20.42 9.76
CA ASN B 154 -7.91 -19.11 9.52
C ASN B 154 -7.17 -18.10 10.39
N TRP B 155 -7.56 -16.83 10.31
CA TRP B 155 -6.80 -15.77 10.97
C TRP B 155 -6.96 -15.63 12.48
N TYR B 156 -7.74 -16.54 13.07
CA TYR B 156 -7.74 -16.65 14.55
C TYR B 156 -6.70 -17.70 14.99
N GLY B 157 -6.10 -18.40 14.02
CA GLY B 157 -5.19 -19.48 14.32
C GLY B 157 -5.90 -20.83 14.45
N ASN B 158 -7.21 -20.86 14.18
CA ASN B 158 -7.99 -22.11 14.26
C ASN B 158 -7.99 -22.95 13.01
N ARG B 159 -7.99 -24.28 13.19
CA ARG B 159 -8.23 -25.18 12.06
C ARG B 159 -9.62 -24.97 11.53
N ILE B 160 -9.72 -25.00 10.19
CA ILE B 160 -11.00 -24.91 9.50
C ILE B 160 -11.45 -26.33 9.27
N GLN B 161 -12.52 -26.70 9.96
CA GLN B 161 -12.87 -28.10 10.07
C GLN B 161 -14.03 -28.48 9.21
N SER B 162 -14.69 -27.50 8.60
CA SER B 162 -15.76 -27.83 7.66
C SER B 162 -15.92 -26.71 6.65
N GLY B 163 -16.70 -26.95 5.62
CA GLY B 163 -17.00 -25.91 4.67
C GLY B 163 -16.05 -25.77 3.48
N TYR B 164 -15.14 -26.71 3.27
CA TYR B 164 -14.46 -26.75 1.98
C TYR B 164 -14.21 -28.22 1.69
N PHE B 165 -13.94 -28.55 0.43
CA PHE B 165 -13.53 -29.90 0.08
C PHE B 165 -12.28 -29.89 -0.82
N VAL B 166 -11.80 -31.09 -1.16
CA VAL B 166 -10.56 -31.25 -1.87
C VAL B 166 -10.86 -31.75 -3.30
N ILE B 167 -10.36 -31.07 -4.33
CA ILE B 167 -10.55 -31.52 -5.72
C ILE B 167 -9.20 -32.04 -6.18
N GLN B 168 -9.13 -33.35 -6.44
CA GLN B 168 -7.89 -34.00 -6.87
C GLN B 168 -7.51 -33.46 -8.24
N PRO B 169 -6.20 -33.35 -8.53
CA PRO B 169 -5.88 -32.89 -9.88
C PRO B 169 -6.12 -33.98 -10.96
N GLY B 170 -6.16 -33.58 -12.21
CA GLY B 170 -6.25 -34.57 -13.30
C GLY B 170 -5.03 -35.48 -13.38
N GLU B 171 -5.15 -36.54 -14.17
CA GLU B 171 -4.04 -37.40 -14.47
C GLU B 171 -2.97 -36.69 -15.34
N ILE B 172 -1.72 -37.16 -15.26
CA ILE B 172 -0.64 -36.61 -16.06
C ILE B 172 -0.25 -37.64 -17.12
N ASN B 173 0.03 -37.18 -18.34
CA ASN B 173 0.43 -38.05 -19.46
C ASN B 173 -0.57 -39.21 -19.71
N SER B 174 -1.85 -38.85 -19.77
CA SER B 174 -2.91 -39.80 -20.03
C SER B 174 -2.73 -40.47 -21.42
N ALA B 175 -2.98 -41.76 -21.53
CA ALA B 175 -2.92 -42.45 -22.84
C ALA B 175 -4.06 -41.96 -23.77
N PRO B 176 -3.87 -42.03 -25.12
CA PRO B 176 -4.98 -41.56 -26.01
C PRO B 176 -6.32 -42.26 -25.73
N ASP C 5 23.35 18.75 25.12
CA ASP C 5 22.86 19.59 23.99
C ASP C 5 22.89 21.10 24.35
N MET C 6 23.87 21.82 23.78
CA MET C 6 23.78 23.29 23.57
C MET C 6 24.35 23.72 22.23
N ILE C 7 23.56 23.46 21.20
CA ILE C 7 23.97 23.51 19.79
C ILE C 7 23.34 24.73 19.09
N LYS C 8 24.18 25.49 18.38
CA LYS C 8 23.79 26.77 17.73
C LYS C 8 23.73 26.57 16.20
N ALA C 9 23.89 25.30 15.84
CA ALA C 9 24.03 24.88 14.48
C ALA C 9 22.66 24.49 13.91
N SER C 10 22.65 24.25 12.61
CA SER C 10 21.45 23.84 11.94
C SER C 10 21.43 22.32 11.86
N TYR C 11 20.32 21.69 12.23
CA TYR C 11 20.24 20.23 12.26
C TYR C 11 18.80 19.76 12.26
N ILE C 12 18.67 18.46 11.99
CA ILE C 12 17.47 17.70 12.27
C ILE C 12 17.86 16.56 13.23
N THR C 13 16.96 16.28 14.16
CA THR C 13 17.21 15.24 15.13
C THR C 13 15.91 14.54 15.52
N MET C 14 16.01 13.58 16.43
CA MET C 14 14.85 12.95 17.05
C MET C 14 15.03 13.01 18.58
N GLY C 15 13.96 13.35 19.29
CA GLY C 15 13.99 13.38 20.75
C GLY C 15 12.99 12.38 21.28
N TYR C 16 13.22 11.89 22.50
CA TYR C 16 12.29 11.00 23.19
C TYR C 16 11.70 11.66 24.38
N ASP C 17 10.43 11.37 24.68
CA ASP C 17 9.89 11.89 25.95
C ASP C 17 10.52 11.16 27.18
N LYS C 18 10.99 9.95 26.98
CA LYS C 18 11.71 9.23 28.03
C LYS C 18 12.57 8.24 27.31
N ASN C 19 13.73 7.92 27.87
N ASN C 19 13.69 7.90 27.95
CA ASN C 19 14.63 7.02 27.16
CA ASN C 19 14.74 7.08 27.35
C ASN C 19 14.73 5.65 27.83
C ASN C 19 14.68 5.64 27.80
N ALA C 20 13.81 5.38 28.76
CA ALA C 20 13.70 4.07 29.37
C ALA C 20 12.20 3.79 29.49
N ALA C 21 11.76 2.55 29.26
CA ALA C 21 10.32 2.19 29.31
C ALA C 21 10.11 0.68 29.46
N GLU C 22 9.10 0.31 30.26
CA GLU C 22 8.67 -1.07 30.46
C GLU C 22 7.96 -1.63 29.24
N VAL C 23 7.93 -2.96 29.12
CA VAL C 23 7.10 -3.65 28.12
C VAL C 23 5.67 -3.09 28.19
N GLY C 24 5.17 -2.70 27.01
CA GLY C 24 3.83 -2.18 26.87
C GLY C 24 3.73 -0.67 26.96
N GLU C 25 4.72 -0.02 27.58
CA GLU C 25 4.73 1.42 27.56
C GLU C 25 5.11 1.94 26.20
N ILE C 26 4.76 3.21 25.95
CA ILE C 26 4.99 3.88 24.66
C ILE C 26 5.93 5.06 24.85
N ILE C 27 6.96 5.09 24.02
CA ILE C 27 7.87 6.22 23.96
C ILE C 27 7.46 7.13 22.78
N LYS C 28 7.28 8.42 23.06
CA LYS C 28 7.05 9.44 22.00
C LYS C 28 8.36 9.91 21.42
N ALA C 29 8.52 9.65 20.13
CA ALA C 29 9.70 10.08 19.39
C ALA C 29 9.32 11.27 18.48
N THR C 30 9.92 12.42 18.75
CA THR C 30 9.63 13.60 17.99
C THR C 30 10.80 13.94 17.09
N VAL C 31 10.51 14.08 15.80
CA VAL C 31 11.48 14.55 14.81
C VAL C 31 11.38 16.08 14.86
N LYS C 32 12.52 16.75 14.97
CA LYS C 32 12.48 18.18 15.10
C LYS C 32 13.69 18.81 14.41
N ILE C 33 13.57 20.10 14.09
CA ILE C 33 14.63 20.81 13.40
C ILE C 33 15.07 22.06 14.14
N ASN C 34 16.29 22.48 13.87
CA ASN C 34 16.81 23.74 14.41
C ASN C 34 17.41 24.57 13.28
N LYS C 35 16.92 25.79 13.10
CA LYS C 35 17.56 26.76 12.19
C LYS C 35 17.71 26.34 10.72
N ILE C 36 16.62 25.83 10.14
CA ILE C 36 16.63 25.44 8.74
C ILE C 36 15.97 26.58 7.95
N THR C 37 16.77 27.23 7.12
CA THR C 37 16.36 28.48 6.46
C THR C 37 15.20 28.27 5.47
N ASN C 38 14.08 28.95 5.73
CA ASN C 38 12.96 28.92 4.78
C ASN C 38 12.38 27.54 4.54
N PHE C 39 12.41 26.74 5.61
CA PHE C 39 11.96 25.35 5.56
C PHE C 39 10.53 25.19 5.08
N SER C 40 10.25 24.20 4.25
CA SER C 40 8.88 24.01 3.76
C SER C 40 8.37 22.57 3.72
N GLY C 41 9.23 21.59 4.02
CA GLY C 41 8.77 20.22 4.01
C GLY C 41 9.91 19.27 4.27
N TYR C 42 9.59 18.07 4.75
CA TYR C 42 10.63 17.07 5.02
C TYR C 42 10.31 15.76 4.35
N GLN C 43 11.35 15.00 4.08
CA GLN C 43 11.16 13.56 3.94
C GLN C 43 12.20 12.88 4.86
N VAL C 44 11.75 12.01 5.77
CA VAL C 44 12.73 11.23 6.57
C VAL C 44 12.53 9.72 6.46
N ASN C 45 13.65 9.01 6.56
CA ASN C 45 13.69 7.56 6.61
C ASN C 45 14.32 7.07 7.94
N ILE C 46 13.53 6.30 8.67
CA ILE C 46 13.83 5.90 10.03
C ILE C 46 13.87 4.39 10.16
N LYS C 47 14.89 3.89 10.86
CA LYS C 47 15.07 2.46 10.99
C LYS C 47 15.02 2.13 12.47
N TYR C 48 14.16 1.18 12.84
CA TYR C 48 14.10 0.67 14.22
C TYR C 48 14.08 -0.87 14.21
N ASP C 49 14.27 -1.49 15.37
CA ASP C 49 14.22 -2.95 15.48
C ASP C 49 12.78 -3.36 15.79
N PRO C 50 12.09 -4.00 14.82
CA PRO C 50 10.66 -4.26 15.00
C PRO C 50 10.34 -5.46 15.90
N THR C 51 11.37 -6.19 16.33
CA THR C 51 11.20 -7.23 17.34
C THR C 51 11.30 -6.61 18.72
N VAL C 52 11.82 -5.38 18.80
CA VAL C 52 11.95 -4.75 20.10
C VAL C 52 10.91 -3.65 20.30
N LEU C 53 10.67 -2.90 19.23
CA LEU C 53 9.78 -1.74 19.29
C LEU C 53 8.70 -1.89 18.22
N GLN C 54 7.48 -1.46 18.57
CA GLN C 54 6.41 -1.45 17.61
C GLN C 54 5.97 -0.03 17.36
N ALA C 55 6.02 0.42 16.10
CA ALA C 55 5.66 1.79 15.81
C ALA C 55 4.14 1.91 15.94
N VAL C 56 3.67 2.91 16.68
CA VAL C 56 2.23 3.11 16.95
C VAL C 56 1.87 4.59 16.88
N ASN C 57 0.57 4.87 16.78
CA ASN C 57 0.13 6.25 16.76
C ASN C 57 0.18 6.73 18.26
N PRO C 58 0.86 7.85 18.51
CA PRO C 58 1.09 8.33 19.86
C PRO C 58 -0.18 8.91 20.52
N LYS C 59 -1.23 9.11 19.75
CA LYS C 59 -2.51 9.53 20.32
C LYS C 59 -3.49 8.38 20.46
N THR C 60 -3.55 7.47 19.48
CA THR C 60 -4.57 6.44 19.52
C THR C 60 -4.04 5.07 19.99
N GLY C 61 -2.73 4.92 20.05
CA GLY C 61 -2.15 3.62 20.39
C GLY C 61 -2.19 2.63 19.24
N VAL C 62 -2.84 2.98 18.13
CA VAL C 62 -2.99 2.01 17.04
C VAL C 62 -1.64 1.75 16.32
N ALA C 63 -1.32 0.46 16.11
CA ALA C 63 -0.10 0.05 15.36
C ALA C 63 -0.03 0.63 13.96
N TYR C 64 1.14 1.19 13.59
CA TYR C 64 1.34 1.66 12.21
C TYR C 64 1.20 0.51 11.25
N THR C 65 0.53 0.74 10.12
CA THR C 65 0.60 -0.17 8.96
C THR C 65 1.52 0.46 7.91
N ASN C 66 1.58 -0.13 6.70
CA ASN C 66 2.48 0.42 5.70
C ASN C 66 2.12 1.85 5.19
N SER C 67 0.89 2.31 5.44
CA SER C 67 0.48 3.65 4.99
CA SER C 67 0.47 3.64 4.99
C SER C 67 0.20 4.65 6.10
N SER C 68 0.59 4.35 7.33
CA SER C 68 0.18 5.19 8.44
C SER C 68 0.82 6.58 8.41
N LEU C 69 0.06 7.59 8.84
CA LEU C 69 0.54 8.98 8.95
C LEU C 69 1.22 9.26 10.30
N PRO C 70 2.31 10.06 10.27
CA PRO C 70 2.88 10.56 11.52
C PRO C 70 1.92 11.57 12.14
N THR C 71 1.99 11.72 13.45
CA THR C 71 1.26 12.76 14.14
C THR C 71 2.01 14.09 13.98
N SER C 72 1.29 15.18 13.70
CA SER C 72 1.91 16.47 13.34
C SER C 72 2.59 17.14 14.51
N GLY C 73 3.65 17.91 14.22
CA GLY C 73 4.31 18.79 15.22
C GLY C 73 3.79 20.23 15.19
N GLU C 74 4.65 21.17 15.61
CA GLU C 74 4.34 22.60 15.65
C GLU C 74 4.40 23.21 14.25
N LEU C 75 5.32 22.67 13.44
CA LEU C 75 5.59 23.18 12.10
C LEU C 75 4.74 22.43 11.06
N LEU C 76 4.51 23.08 9.93
CA LEU C 76 3.81 22.48 8.79
C LEU C 76 2.34 22.23 9.05
N VAL C 77 1.75 23.00 9.96
CA VAL C 77 0.32 22.85 10.21
C VAL C 77 -0.48 24.10 9.85
N SER C 78 0.14 25.10 9.23
CA SER C 78 -0.69 26.22 8.79
C SER C 78 -1.54 25.84 7.56
N GLU C 79 -2.86 25.76 7.77
CA GLU C 79 -3.80 25.38 6.73
C GLU C 79 -3.65 26.26 5.46
N ASP C 80 -3.45 27.57 5.65
CA ASP C 80 -3.21 28.52 4.53
C ASP C 80 -2.09 28.11 3.56
N TYR C 81 -1.12 27.33 4.04
CA TYR C 81 -0.01 26.92 3.16
C TYR C 81 -0.17 25.53 2.56
N GLY C 82 -1.35 24.95 2.75
CA GLY C 82 -1.69 23.69 2.10
C GLY C 82 -0.76 22.48 2.37
N PRO C 83 -0.63 22.07 3.63
CA PRO C 83 0.20 20.88 3.91
C PRO C 83 -0.40 19.54 3.42
N ILE C 84 0.45 18.71 2.80
N ILE C 84 0.47 18.68 2.91
CA ILE C 84 0.16 17.30 2.48
CA ILE C 84 0.11 17.31 2.59
C ILE C 84 1.09 16.44 3.34
C ILE C 84 1.13 16.32 3.15
N VAL C 85 0.63 15.25 3.73
CA VAL C 85 1.41 14.30 4.51
C VAL C 85 1.18 12.86 4.00
N GLN C 86 2.22 12.03 3.99
CA GLN C 86 2.08 10.64 3.58
C GLN C 86 3.12 9.75 4.26
N GLY C 87 2.73 8.54 4.56
CA GLY C 87 3.68 7.56 5.13
C GLY C 87 3.73 6.36 4.20
N VAL C 88 4.93 5.88 3.88
CA VAL C 88 5.10 4.66 3.09
C VAL C 88 6.14 3.81 3.80
N HIS C 89 5.70 2.78 4.54
CA HIS C 89 6.65 2.08 5.42
C HIS C 89 6.83 0.59 5.06
N LYS C 90 7.86 -0.03 5.64
CA LYS C 90 8.00 -1.49 5.66
C LYS C 90 8.08 -1.95 7.10
N ILE C 91 6.91 -2.12 7.68
CA ILE C 91 6.78 -2.33 9.11
C ILE C 91 7.52 -3.60 9.52
N SER C 92 7.40 -4.65 8.71
CA SER C 92 8.10 -5.94 8.95
C SER C 92 9.62 -5.81 9.06
N GLU C 93 10.17 -4.86 8.33
CA GLU C 93 11.60 -4.58 8.35
C GLU C 93 11.95 -3.43 9.29
N GLY C 94 10.97 -2.86 9.99
CA GLY C 94 11.25 -1.72 10.83
C GLY C 94 11.77 -0.50 10.08
N ILE C 95 11.17 -0.17 8.94
CA ILE C 95 11.55 1.04 8.22
C ILE C 95 10.32 1.97 8.11
N LEU C 96 10.44 3.21 8.60
CA LEU C 96 9.40 4.22 8.37
C LEU C 96 9.91 5.20 7.32
N ASN C 97 9.06 5.59 6.39
CA ASN C 97 9.37 6.71 5.48
C ASN C 97 8.21 7.73 5.49
N LEU C 98 8.49 8.91 6.01
CA LEU C 98 7.48 9.93 6.31
C LEU C 98 7.80 11.20 5.52
N SER C 99 6.78 11.80 4.91
N SER C 99 6.77 11.80 4.93
CA SER C 99 6.92 13.08 4.19
CA SER C 99 6.90 13.07 4.19
C SER C 99 5.76 14.02 4.51
C SER C 99 5.75 14.02 4.53
N ARG C 100 6.06 15.28 4.72
CA ARG C 100 5.02 16.30 4.89
C ARG C 100 5.61 17.56 4.29
N SER C 101 4.82 18.24 3.43
CA SER C 101 5.25 19.50 2.78
C SER C 101 4.13 20.48 2.63
N TYR C 102 4.43 21.78 2.75
CA TYR C 102 3.52 22.81 2.29
C TYR C 102 3.48 22.76 0.76
N THR C 103 2.33 23.11 0.16
CA THR C 103 2.25 23.19 -1.31
C THR C 103 1.97 24.60 -1.86
N ALA C 104 1.35 25.45 -1.05
CA ALA C 104 1.03 26.83 -1.43
C ALA C 104 2.23 27.72 -1.10
N LEU C 105 3.33 27.49 -1.82
CA LEU C 105 4.65 28.06 -1.45
C LEU C 105 4.73 29.57 -1.74
N GLU C 106 3.99 30.05 -2.75
CA GLU C 106 3.99 31.48 -3.02
C GLU C 106 3.36 32.33 -1.88
N VAL C 107 2.23 31.85 -1.34
CA VAL C 107 1.56 32.42 -0.14
C VAL C 107 2.54 32.39 1.08
N TYR C 108 3.22 31.28 1.24
CA TYR C 108 4.20 31.10 2.32
C TYR C 108 5.36 32.08 2.12
N ARG C 109 5.95 32.15 0.93
CA ARG C 109 7.02 33.13 0.67
C ARG C 109 6.56 34.58 0.99
N ALA C 110 5.34 34.91 0.56
CA ALA C 110 4.78 36.25 0.80
C ALA C 110 4.66 36.62 2.26
N SER C 111 4.47 35.63 3.16
CA SER C 111 4.36 35.92 4.59
C SER C 111 5.65 36.50 5.14
N GLU C 112 6.78 36.28 4.47
CA GLU C 112 8.12 36.65 4.98
C GLU C 112 8.34 36.17 6.41
N SER C 113 7.71 35.05 6.73
CA SER C 113 7.75 34.53 8.09
C SER C 113 7.95 33.00 8.02
N PRO C 114 9.19 32.58 7.75
CA PRO C 114 9.53 31.16 7.59
C PRO C 114 9.43 30.39 8.92
N GLU C 115 9.11 29.11 8.82
CA GLU C 115 9.15 28.18 9.98
C GLU C 115 10.53 27.51 9.91
N GLU C 116 11.38 27.74 10.90
CA GLU C 116 12.77 27.26 10.78
C GLU C 116 13.25 26.35 11.92
N THR C 117 12.50 26.34 13.00
CA THR C 117 12.85 25.65 14.26
C THR C 117 11.59 25.15 14.93
N GLY C 118 11.55 23.87 15.29
CA GLY C 118 10.39 23.30 15.95
C GLY C 118 10.17 21.85 15.56
N THR C 119 9.09 21.26 16.05
CA THR C 119 8.87 19.84 15.88
C THR C 119 8.15 19.60 14.54
N LEU C 120 8.50 18.50 13.90
CA LEU C 120 7.95 18.15 12.60
C LEU C 120 6.95 17.02 12.65
N ALA C 121 7.17 16.05 13.55
CA ALA C 121 6.44 14.78 13.44
C ALA C 121 6.63 14.05 14.75
N VAL C 122 5.60 13.28 15.12
CA VAL C 122 5.65 12.45 16.32
C VAL C 122 5.18 11.02 15.97
N VAL C 123 5.98 10.06 16.40
CA VAL C 123 5.73 8.67 16.21
C VAL C 123 5.84 8.04 17.59
N GLY C 124 5.00 7.05 17.88
CA GLY C 124 5.09 6.28 19.12
C GLY C 124 5.88 4.99 18.87
N PHE C 125 6.69 4.64 19.85
CA PHE C 125 7.27 3.30 19.93
C PHE C 125 6.85 2.56 21.21
N LYS C 126 6.13 1.47 21.02
CA LYS C 126 5.64 0.66 22.11
C LYS C 126 6.66 -0.44 22.35
N VAL C 127 7.08 -0.57 23.60
CA VAL C 127 8.11 -1.56 23.93
C VAL C 127 7.58 -2.98 23.90
N LEU C 128 8.17 -3.79 23.02
CA LEU C 128 7.92 -5.23 22.97
C LEU C 128 8.87 -6.00 23.88
N GLN C 129 10.12 -5.56 23.97
CA GLN C 129 11.11 -6.14 24.88
C GLN C 129 11.91 -5.01 25.53
N LYS C 130 12.10 -5.12 26.84
CA LYS C 130 12.89 -4.14 27.55
C LYS C 130 14.39 -4.50 27.39
N LYS C 131 14.98 -3.93 26.34
CA LYS C 131 16.24 -4.35 25.75
C LYS C 131 16.82 -3.08 25.16
N ALA C 132 18.12 -2.84 25.36
CA ALA C 132 18.83 -1.70 24.79
C ALA C 132 18.68 -1.70 23.27
N THR C 133 18.25 -0.57 22.69
CA THR C 133 17.90 -0.60 21.27
C THR C 133 18.10 0.77 20.70
N THR C 134 18.33 0.85 19.39
CA THR C 134 18.56 2.18 18.79
C THR C 134 17.62 2.50 17.61
N VAL C 135 17.20 3.75 17.53
CA VAL C 135 16.39 4.19 16.41
C VAL C 135 17.30 5.15 15.67
N VAL C 136 17.37 4.98 14.34
CA VAL C 136 18.21 5.88 13.54
C VAL C 136 17.53 6.42 12.28
N PHE C 137 17.94 7.65 11.90
CA PHE C 137 17.73 8.10 10.52
C PHE C 137 18.75 7.35 9.66
N GLU C 138 18.30 6.83 8.53
CA GLU C 138 19.15 6.01 7.73
C GLU C 138 18.82 6.14 6.25
N ASP C 139 19.86 6.13 5.44
CA ASP C 139 19.70 6.24 4.01
C ASP C 139 18.83 5.13 3.49
N SER C 140 18.15 5.47 2.41
CA SER C 140 17.37 4.54 1.65
C SER C 140 17.73 4.68 0.18
N GLU C 141 17.74 3.56 -0.55
CA GLU C 141 17.82 3.54 -2.01
C GLU C 141 16.75 4.44 -2.68
N THR C 142 15.57 4.57 -2.08
CA THR C 142 14.51 5.44 -2.63
C THR C 142 14.78 6.93 -2.41
N MET C 143 15.83 7.28 -1.66
CA MET C 143 16.28 8.66 -1.47
C MET C 143 17.77 8.82 -1.79
N PRO C 144 18.16 8.70 -3.11
CA PRO C 144 19.56 8.85 -3.48
C PRO C 144 20.13 10.19 -3.05
N ASN C 145 19.29 11.22 -2.92
CA ASN C 145 19.80 12.56 -2.56
C ASN C 145 19.67 12.87 -1.07
N GLY C 146 19.27 11.84 -0.31
CA GLY C 146 19.13 11.96 1.15
C GLY C 146 20.44 12.25 1.84
N ILE C 147 20.36 13.05 2.91
CA ILE C 147 21.49 13.23 3.79
C ILE C 147 21.16 12.45 5.07
N THR C 148 21.86 11.34 5.24
CA THR C 148 21.61 10.38 6.29
C THR C 148 20.09 10.15 6.43
N GLY C 149 19.44 9.77 5.33
CA GLY C 149 18.00 9.52 5.29
C GLY C 149 17.07 10.72 5.46
N THR C 150 17.61 11.91 5.26
CA THR C 150 16.81 13.12 5.38
C THR C 150 16.85 13.97 4.14
N THR C 151 15.67 14.47 3.75
CA THR C 151 15.55 15.51 2.73
C THR C 151 14.72 16.67 3.27
N LEU C 152 15.29 17.86 3.19
CA LEU C 152 14.57 19.05 3.62
C LEU C 152 14.43 19.97 2.42
N PHE C 153 13.25 20.57 2.27
CA PHE C 153 13.02 21.57 1.21
C PHE C 153 12.78 22.95 1.78
N ASN C 154 13.02 23.94 0.95
CA ASN C 154 12.70 25.30 1.27
C ASN C 154 11.54 25.81 0.43
N TRP C 155 11.19 27.08 0.66
CA TRP C 155 9.90 27.57 0.14
C TRP C 155 9.94 27.93 -1.36
N TYR C 156 11.05 27.61 -2.02
CA TYR C 156 11.15 27.65 -3.50
C TYR C 156 10.87 26.29 -4.09
N GLY C 157 10.71 25.28 -3.23
CA GLY C 157 10.58 23.89 -3.70
C GLY C 157 11.96 23.26 -4.03
N ASN C 158 13.01 23.80 -3.42
CA ASN C 158 14.41 23.36 -3.68
C ASN C 158 14.90 22.51 -2.49
N ARG C 159 15.61 21.43 -2.77
CA ARG C 159 16.22 20.62 -1.69
C ARG C 159 17.29 21.44 -0.97
N ILE C 160 17.35 21.37 0.34
CA ILE C 160 18.44 22.01 1.11
C ILE C 160 19.56 20.95 1.20
N GLN C 161 20.64 21.18 0.46
CA GLN C 161 21.65 20.14 0.35
C GLN C 161 22.93 20.39 1.11
N SER C 162 23.01 21.51 1.81
CA SER C 162 24.14 21.75 2.63
C SER C 162 23.68 22.68 3.75
N GLY C 163 24.52 22.88 4.75
CA GLY C 163 24.18 23.75 5.84
C GLY C 163 23.43 23.13 7.01
N TYR C 164 23.15 21.82 7.01
CA TYR C 164 22.60 21.15 8.23
C TYR C 164 23.12 19.73 8.35
N PHE C 165 23.03 19.16 9.56
CA PHE C 165 23.45 17.78 9.75
C PHE C 165 22.40 17.00 10.55
N VAL C 166 22.53 15.68 10.60
CA VAL C 166 21.58 14.81 11.28
C VAL C 166 22.18 14.43 12.64
N ILE C 167 21.47 14.67 13.76
CA ILE C 167 21.89 14.21 15.09
C ILE C 167 21.01 13.03 15.43
N GLN C 168 21.64 11.85 15.49
CA GLN C 168 20.93 10.60 15.83
C GLN C 168 20.49 10.64 17.28
N PRO C 169 19.29 10.12 17.60
CA PRO C 169 18.80 10.11 18.98
C PRO C 169 19.65 9.11 19.84
N GLY C 170 19.58 9.20 21.16
CA GLY C 170 20.33 8.26 22.00
C GLY C 170 19.75 6.85 21.98
N GLU C 171 20.38 5.96 22.73
CA GLU C 171 19.86 4.63 22.93
C GLU C 171 18.63 4.58 23.83
N ILE C 172 17.71 3.66 23.56
CA ILE C 172 16.50 3.45 24.39
C ILE C 172 16.82 2.28 25.34
N ASN C 173 16.38 2.36 26.60
CA ASN C 173 16.59 1.25 27.56
C ASN C 173 18.05 0.79 27.70
N SER C 174 18.98 1.73 27.82
CA SER C 174 20.41 1.37 28.04
C SER C 174 20.59 0.50 29.29
N ALA C 175 21.43 -0.54 29.17
CA ALA C 175 21.92 -1.33 30.33
C ALA C 175 22.56 -0.37 31.34
N PRO C 176 22.21 -0.50 32.63
CA PRO C 176 22.83 0.45 33.58
C PRO C 176 24.32 0.10 33.80
#